data_9CAY
#
_entry.id   9CAY
#
_cell.length_a   1.00
_cell.length_b   1.00
_cell.length_c   1.00
_cell.angle_alpha   90.00
_cell.angle_beta   90.00
_cell.angle_gamma   90.00
#
_symmetry.space_group_name_H-M   'P 1'
#
loop_
_entity.id
_entity.type
_entity.pdbx_description
1 polymer "DNA (5'-D(P*CP*AP*GP*CP*TP*CP*TP*AP*CP*GP*GP*AP*TP*GP*CP*CP*TP*CP*AP*CP*A)-3')"
2 polymer 'Plastid replication-repair enzyme'
3 polymer "DNA (5'-D(*AP*TP*GP*TP*GP*AP*GP*GP*CP*AP*TP*CP*CP*GP*TP*AP*GP*(2DA))-3')"
4 non-polymer 'MAGNESIUM ION'
5 non-polymer "2'-DEOXYGUANOSINE-5'-TRIPHOSPHATE"
#
loop_
_entity_poly.entity_id
_entity_poly.type
_entity_poly.pdbx_seq_one_letter_code
_entity_poly.pdbx_strand_id
1 'polydeoxyribonucleotide'
;(DG)(DC)(DA)(DG)(DT)(DC)(DA)(DG)(DC)(DT)(DC)(DT)(DA)(DC)(DG)(DG)(DA)(DT)(DG)(DC)
(DC)(DT)(DC)(DA)(DC)(DA)(DG)(DC)(DA)
;
E
2 'polypeptide(L)'
;DEITKKYIKDNIINVDDNIIKKKDIFKLKNENNEITECAFEYFESKKKFDDDIESRFFIINDNNYNENINLIYKDIKYCG
LNIQTTGLEVFDENIRLIQIAVENYPVIIYDMFNINKKDILDGLRKVLENKNIIKIIQNGKFDAKFLLHNNFKIENIFDT
YIASKLLDKNKNMYGFKLNNIVEKYLNVILDKQQQNSVWNNSLLNNNQLFYAARDSSCLLKLYKKLKEEIKKENLHIVND
IENKCILPICDMELNGIKVDLENLQKSTNEILNELNIEKDNLKKKLKDENINVNSQQQVLKALQKNNVRDISNKLIENTS
DSNLKNFLNHEEIISLRNYRRLYKLYSAFYLKLPLHINTKTNKIHTTFNQLKTFSGRFSSEKPNLQQIPRQKNIREIFIP
NDNNIFIIADFKQIELKIAAEITNDEIMLKAYNNNIDLHTLTASIITKKNIPDINKEDRHIAKAINFGLIYGMNYVNLKN
YANTYYGLNMSLDQCLYFYNSFFEHYKGIYKWHNQVKQKRALQYSTLSNRKVIFPYFSFTKALNYPVQGTCADILKLALV
DLYDNLKDINGKIILCVHDEIIIEVNKKFQEEALKILVQSMENSASYFLKKVKCEVSVKIAENWGSKD
;
A
3 'polydeoxyribonucleotide'
;(DT)(DG)(DA)(DT)(DG)(DT)(DG)(DA)(DG)(DG)(DC)(DA)(DT)(DC)(DC)(DG)(DT)(DA)(DG)
(2DA)
;
F
#
loop_
_chem_comp.id
_chem_comp.type
_chem_comp.name
_chem_comp.formula
2DA DNA linking 2',3'-DIDEOXYADENOSINE-5'-MONOPHOSPHATE 'C10 H14 N5 O5 P'
DA DNA linking 2'-DEOXYADENOSINE-5'-MONOPHOSPHATE 'C10 H14 N5 O6 P'
DC DNA linking 2'-DEOXYCYTIDINE-5'-MONOPHOSPHATE 'C9 H14 N3 O7 P'
DG DNA linking 2'-DEOXYGUANOSINE-5'-MONOPHOSPHATE 'C10 H14 N5 O7 P'
DGT non-polymer 2'-DEOXYGUANOSINE-5'-TRIPHOSPHATE 'C10 H16 N5 O13 P3'
DT DNA linking THYMIDINE-5'-MONOPHOSPHATE 'C10 H15 N2 O8 P'
MG non-polymer 'MAGNESIUM ION' 'Mg 2'
#
# COMPACT_ATOMS: atom_id res chain seq x y z
N PHE B 57 18.35 -39.04 2.13
CA PHE B 57 18.96 -37.90 2.86
C PHE B 57 20.37 -37.65 2.35
N PHE B 58 20.51 -37.65 1.03
CA PHE B 58 21.81 -37.44 0.41
C PHE B 58 22.32 -36.03 0.68
N ILE B 59 23.62 -35.94 0.94
CA ILE B 59 24.29 -34.65 1.16
C ILE B 59 25.28 -34.48 0.01
N ILE B 60 25.14 -33.38 -0.72
CA ILE B 60 25.92 -33.14 -1.94
C ILE B 60 27.13 -32.30 -1.57
N ASN B 61 28.32 -32.82 -1.88
CA ASN B 61 29.57 -32.13 -1.64
C ASN B 61 30.60 -32.67 -2.61
N ASP B 62 31.83 -32.17 -2.49
CA ASP B 62 32.90 -32.56 -3.41
C ASP B 62 33.25 -34.03 -3.31
N ASN B 63 32.99 -34.66 -2.16
CA ASN B 63 33.37 -36.06 -1.99
C ASN B 63 32.54 -36.98 -2.86
N ASN B 64 31.23 -36.78 -2.89
CA ASN B 64 30.31 -37.64 -3.63
C ASN B 64 29.52 -36.83 -4.66
N TYR B 65 30.21 -35.94 -5.38
CA TYR B 65 29.63 -35.23 -6.50
C TYR B 65 29.86 -36.05 -7.76
N ASN B 66 28.80 -36.69 -8.25
CA ASN B 66 28.88 -37.56 -9.42
C ASN B 66 28.23 -36.96 -10.66
N GLU B 67 27.49 -35.86 -10.52
CA GLU B 67 26.86 -35.17 -11.64
C GLU B 67 25.68 -35.97 -12.19
N ASN B 68 25.44 -37.17 -11.66
CA ASN B 68 24.29 -37.96 -12.07
C ASN B 68 23.01 -37.49 -11.41
N ILE B 69 23.12 -36.82 -10.27
CA ILE B 69 21.93 -36.34 -9.55
C ILE B 69 21.15 -35.36 -10.41
N ASN B 70 21.83 -34.61 -11.27
CA ASN B 70 21.13 -33.66 -12.13
C ASN B 70 20.11 -34.36 -13.04
N LEU B 71 20.35 -35.64 -13.36
CA LEU B 71 19.40 -36.39 -14.16
C LEU B 71 18.06 -36.54 -13.45
N ILE B 72 18.06 -36.45 -12.11
CA ILE B 72 16.79 -36.48 -11.38
C ILE B 72 15.96 -35.24 -11.71
N TYR B 73 16.61 -34.11 -11.95
CA TYR B 73 15.91 -32.87 -12.21
C TYR B 73 15.15 -32.90 -13.53
N LYS B 74 15.48 -33.82 -14.43
CA LYS B 74 14.85 -33.84 -15.75
C LYS B 74 13.41 -34.33 -15.64
N ASP B 75 12.49 -33.57 -16.25
CA ASP B 75 11.08 -33.93 -16.30
C ASP B 75 10.50 -34.07 -14.89
N ILE B 76 10.51 -32.97 -14.15
CA ILE B 76 9.95 -32.92 -12.80
C ILE B 76 9.02 -31.71 -12.70
N LYS B 77 8.06 -31.80 -11.78
CA LYS B 77 7.08 -30.75 -11.58
C LYS B 77 7.22 -30.08 -10.22
N TYR B 78 7.21 -30.85 -9.13
CA TYR B 78 7.24 -30.31 -7.78
C TYR B 78 8.63 -30.43 -7.18
N CYS B 79 8.95 -29.50 -6.29
CA CYS B 79 10.19 -29.56 -5.52
C CYS B 79 10.02 -28.69 -4.29
N GLY B 80 9.84 -29.33 -3.13
CA GLY B 80 9.60 -28.61 -1.90
C GLY B 80 10.83 -27.93 -1.35
N LEU B 81 11.31 -26.90 -2.05
CA LEU B 81 12.54 -26.23 -1.66
C LEU B 81 12.35 -25.48 -0.36
N ASN B 82 13.25 -25.72 0.59
CA ASN B 82 13.32 -24.94 1.82
C ASN B 82 14.77 -24.85 2.24
N ILE B 83 15.24 -23.64 2.53
CA ILE B 83 16.64 -23.39 2.81
C ILE B 83 16.82 -23.18 4.31
N GLN B 84 18.08 -23.21 4.74
CA GLN B 84 18.47 -22.92 6.12
C GLN B 84 19.66 -21.98 6.11
N THR B 85 19.80 -21.20 7.17
CA THR B 85 20.83 -20.18 7.23
C THR B 85 21.23 -19.96 8.69
N THR B 86 22.18 -19.06 8.89
CA THR B 86 22.77 -18.80 10.20
C THR B 86 22.07 -17.68 10.97
N GLY B 87 21.04 -17.07 10.39
CA GLY B 87 20.34 -16.00 11.08
C GLY B 87 19.08 -15.55 10.34
N LEU B 88 18.84 -14.24 10.31
CA LEU B 88 17.64 -13.69 9.69
C LEU B 88 17.98 -12.59 8.69
N GLU B 89 19.05 -11.85 8.93
CA GLU B 89 19.42 -10.75 8.06
C GLU B 89 19.90 -11.28 6.71
N VAL B 90 19.62 -10.52 5.65
CA VAL B 90 19.96 -10.96 4.31
C VAL B 90 21.32 -10.42 3.85
N PHE B 91 21.69 -9.23 4.30
CA PHE B 91 22.95 -8.61 3.90
C PHE B 91 24.10 -8.93 4.84
N ASP B 92 23.87 -9.77 5.85
CA ASP B 92 24.89 -10.07 6.84
C ASP B 92 25.14 -11.55 7.05
N GLU B 93 24.40 -12.43 6.37
CA GLU B 93 24.56 -13.87 6.57
C GLU B 93 24.64 -14.60 5.24
N ASN B 94 24.68 -15.93 5.29
CA ASN B 94 24.79 -16.74 4.08
C ASN B 94 24.02 -18.04 4.29
N ILE B 95 23.73 -18.71 3.18
CA ILE B 95 22.94 -19.94 3.21
C ILE B 95 23.84 -21.09 3.65
N ARG B 96 23.38 -21.87 4.62
CA ARG B 96 24.11 -23.02 5.12
C ARG B 96 23.65 -24.31 4.46
N LEU B 97 22.35 -24.59 4.47
CA LEU B 97 21.81 -25.82 3.88
C LEU B 97 20.62 -25.46 2.99
N ILE B 98 20.63 -25.99 1.78
CA ILE B 98 19.49 -25.88 0.86
C ILE B 98 18.91 -27.28 0.71
N GLN B 99 17.64 -27.43 1.06
CA GLN B 99 16.96 -28.72 1.06
C GLN B 99 15.91 -28.75 -0.04
N ILE B 100 16.00 -29.75 -0.91
CA ILE B 100 15.05 -29.94 -2.00
C ILE B 100 14.41 -31.31 -1.83
N ALA B 101 13.09 -31.35 -1.84
CA ALA B 101 12.33 -32.59 -1.68
C ALA B 101 11.68 -32.95 -3.01
N VAL B 102 11.86 -34.19 -3.44
CA VAL B 102 11.32 -34.68 -4.71
C VAL B 102 10.50 -35.93 -4.42
N GLU B 103 9.35 -36.03 -5.07
CA GLU B 103 8.44 -37.14 -4.82
C GLU B 103 9.12 -38.48 -5.11
N ASN B 104 8.82 -39.47 -4.27
CA ASN B 104 9.36 -40.82 -4.40
C ASN B 104 10.87 -40.87 -4.22
N TYR B 105 11.45 -39.85 -3.60
CA TYR B 105 12.89 -39.83 -3.35
C TYR B 105 13.14 -39.09 -2.05
N PRO B 106 14.19 -39.45 -1.32
CA PRO B 106 14.49 -38.75 -0.06
C PRO B 106 14.93 -37.31 -0.31
N VAL B 107 14.75 -36.49 0.73
CA VAL B 107 15.12 -35.08 0.64
C VAL B 107 16.62 -34.98 0.44
N ILE B 108 17.04 -34.16 -0.53
CA ILE B 108 18.44 -33.95 -0.85
C ILE B 108 18.87 -32.61 -0.28
N ILE B 109 20.13 -32.54 0.16
CA ILE B 109 20.64 -31.39 0.90
C ILE B 109 21.94 -30.93 0.26
N TYR B 110 22.06 -29.62 0.14
CA TYR B 110 23.30 -29.02 -0.37
C TYR B 110 23.86 -28.12 0.71
N ASP B 111 25.17 -28.21 0.95
CA ASP B 111 25.88 -27.36 1.90
C ASP B 111 26.87 -26.49 1.13
N MET B 112 26.75 -25.18 1.31
CA MET B 112 27.55 -24.22 0.55
C MET B 112 28.86 -23.86 1.24
N PHE B 113 29.10 -24.34 2.46
CA PHE B 113 30.29 -23.97 3.21
C PHE B 113 31.47 -24.89 2.94
N ASN B 114 31.29 -25.97 2.20
CA ASN B 114 32.37 -26.87 1.85
C ASN B 114 32.62 -26.98 0.34
N ILE B 115 31.59 -26.81 -0.48
CA ILE B 115 31.76 -26.86 -1.93
C ILE B 115 32.19 -25.48 -2.42
N ASN B 116 33.25 -25.45 -3.21
CA ASN B 116 33.78 -24.22 -3.78
C ASN B 116 33.71 -24.30 -5.30
N LYS B 117 34.23 -23.24 -5.95
CA LYS B 117 34.30 -23.15 -7.40
C LYS B 117 32.93 -23.39 -8.04
N LYS B 118 32.90 -23.58 -9.36
CA LYS B 118 31.67 -23.74 -10.12
C LYS B 118 31.57 -25.17 -10.65
N ASP B 119 30.56 -25.41 -11.49
CA ASP B 119 30.27 -26.67 -12.16
C ASP B 119 29.59 -27.68 -11.24
N ILE B 120 29.46 -27.40 -9.96
CA ILE B 120 28.68 -28.25 -9.06
C ILE B 120 27.25 -27.74 -8.94
N LEU B 121 27.09 -26.43 -8.81
CA LEU B 121 25.77 -25.82 -8.73
C LEU B 121 25.29 -25.46 -10.14
N ASP B 122 25.06 -26.51 -10.94
CA ASP B 122 24.56 -26.39 -12.29
C ASP B 122 23.14 -26.89 -12.43
N GLY B 123 22.85 -28.08 -11.90
CA GLY B 123 21.48 -28.58 -11.95
C GLY B 123 20.54 -27.77 -11.09
N LEU B 124 20.99 -27.36 -9.90
CA LEU B 124 20.13 -26.60 -9.00
C LEU B 124 19.78 -25.25 -9.60
N ARG B 125 20.77 -24.54 -10.14
CA ARG B 125 20.51 -23.24 -10.76
C ARG B 125 19.59 -23.41 -11.96
N LYS B 126 19.81 -24.45 -12.76
CA LYS B 126 18.97 -24.67 -13.94
C LYS B 126 17.53 -24.93 -13.53
N VAL B 127 17.32 -25.73 -12.48
CA VAL B 127 15.96 -25.97 -11.99
C VAL B 127 15.35 -24.68 -11.47
N LEU B 128 16.11 -23.91 -10.69
CA LEU B 128 15.57 -22.70 -10.10
C LEU B 128 15.15 -21.68 -11.16
N GLU B 129 15.99 -21.49 -12.18
CA GLU B 129 15.69 -20.51 -13.21
C GLU B 129 14.60 -20.98 -14.16
N ASN B 130 14.27 -22.27 -14.16
CA ASN B 130 13.24 -22.77 -15.07
C ASN B 130 11.86 -22.28 -14.64
N LYS B 131 11.08 -21.83 -15.63
CA LYS B 131 9.74 -21.34 -15.39
C LYS B 131 8.67 -22.42 -15.50
N ASN B 132 9.02 -23.62 -15.93
CA ASN B 132 8.06 -24.71 -16.07
C ASN B 132 8.03 -25.63 -14.86
N ILE B 133 8.83 -25.35 -13.83
CA ILE B 133 8.89 -26.17 -12.61
C ILE B 133 8.52 -25.29 -11.44
N ILE B 134 7.61 -25.77 -10.62
CA ILE B 134 7.12 -24.99 -9.47
C ILE B 134 8.04 -25.19 -8.27
N LYS B 135 8.18 -24.14 -7.47
CA LYS B 135 9.05 -24.13 -6.31
C LYS B 135 8.19 -23.89 -5.07
N ILE B 136 7.95 -24.95 -4.30
CA ILE B 136 7.12 -24.85 -3.10
C ILE B 136 8.01 -24.37 -1.97
N ILE B 137 7.80 -23.13 -1.52
CA ILE B 137 8.62 -22.51 -0.49
C ILE B 137 7.73 -22.18 0.69
N GLN B 138 8.05 -22.73 1.85
CA GLN B 138 7.32 -22.39 3.06
C GLN B 138 7.72 -20.99 3.50
N ASN B 139 6.74 -20.11 3.66
CA ASN B 139 6.98 -18.70 3.93
C ASN B 139 7.97 -18.14 2.92
N GLY B 140 7.59 -18.26 1.65
CA GLY B 140 8.48 -17.90 0.56
C GLY B 140 8.67 -16.41 0.39
N LYS B 141 8.94 -15.72 1.49
CA LYS B 141 9.35 -14.32 1.47
C LYS B 141 10.74 -14.12 2.06
N PHE B 142 11.21 -15.06 2.87
CA PHE B 142 12.56 -15.04 3.43
C PHE B 142 13.52 -15.92 2.63
N ASP B 143 13.14 -17.17 2.35
CA ASP B 143 14.00 -18.04 1.57
C ASP B 143 14.22 -17.48 0.17
N ALA B 144 13.14 -17.03 -0.48
CA ALA B 144 13.27 -16.44 -1.80
C ALA B 144 14.11 -15.17 -1.76
N LYS B 145 14.00 -14.40 -0.68
CA LYS B 145 14.84 -13.22 -0.53
C LYS B 145 16.31 -13.60 -0.54
N PHE B 146 16.67 -14.62 0.23
CA PHE B 146 18.07 -15.06 0.26
C PHE B 146 18.50 -15.55 -1.12
N LEU B 147 17.63 -16.33 -1.78
CA LEU B 147 17.99 -16.88 -3.08
C LEU B 147 18.25 -15.77 -4.09
N LEU B 148 17.36 -14.78 -4.13
CA LEU B 148 17.52 -13.69 -5.08
C LEU B 148 18.63 -12.72 -4.70
N HIS B 149 19.02 -12.68 -3.41
CA HIS B 149 20.03 -11.72 -2.99
C HIS B 149 21.36 -11.98 -3.69
N ASN B 150 21.74 -13.24 -3.82
CA ASN B 150 23.00 -13.60 -4.46
C ASN B 150 22.74 -13.83 -5.95
N ASN B 151 23.72 -14.42 -6.63
CA ASN B 151 23.62 -14.67 -8.07
C ASN B 151 22.85 -15.97 -8.35
N PHE B 152 21.64 -16.02 -7.80
CA PHE B 152 20.70 -17.11 -8.05
C PHE B 152 19.39 -16.53 -8.56
N LYS B 153 18.80 -17.20 -9.55
CA LYS B 153 17.54 -16.76 -10.16
C LYS B 153 16.45 -17.78 -9.85
N ILE B 154 15.34 -17.30 -9.31
CA ILE B 154 14.25 -18.15 -8.85
C ILE B 154 12.97 -17.67 -9.51
N GLU B 155 12.14 -18.60 -9.96
CA GLU B 155 10.86 -18.27 -10.59
C GLU B 155 9.84 -19.34 -10.27
N ASN B 156 8.57 -18.96 -10.43
CA ASN B 156 7.44 -19.84 -10.09
C ASN B 156 7.48 -20.24 -8.63
N ILE B 157 7.37 -19.23 -7.76
CA ILE B 157 7.34 -19.45 -6.32
C ILE B 157 5.90 -19.68 -5.89
N PHE B 158 5.67 -20.77 -5.16
CA PHE B 158 4.37 -21.07 -4.58
C PHE B 158 4.54 -21.17 -3.07
N ASP B 159 3.81 -20.33 -2.34
CA ASP B 159 3.87 -20.28 -0.89
C ASP B 159 2.62 -20.92 -0.29
N THR B 160 2.82 -21.88 0.61
CA THR B 160 1.69 -22.44 1.35
C THR B 160 1.17 -21.47 2.39
N TYR B 161 2.02 -20.55 2.88
CA TYR B 161 1.56 -19.57 3.86
C TYR B 161 0.56 -18.61 3.25
N ILE B 162 0.84 -18.10 2.05
CA ILE B 162 -0.08 -17.18 1.40
C ILE B 162 -1.41 -17.87 1.12
N ALA B 163 -1.36 -19.10 0.61
CA ALA B 163 -2.59 -19.83 0.35
C ALA B 163 -3.37 -20.08 1.64
N SER B 164 -2.67 -20.42 2.73
CA SER B 164 -3.35 -20.65 4.00
C SER B 164 -4.03 -19.39 4.50
N LYS B 165 -3.38 -18.24 4.34
CA LYS B 165 -3.96 -16.98 4.78
C LYS B 165 -5.21 -16.62 3.98
N LEU B 166 -5.35 -17.14 2.76
CA LEU B 166 -6.57 -16.95 1.98
C LEU B 166 -7.57 -18.08 2.22
N LEU B 167 -7.88 -18.32 3.50
CA LEU B 167 -8.82 -19.38 3.86
C LEU B 167 -9.57 -18.96 5.11
N ASP B 168 -10.87 -19.22 5.12
CA ASP B 168 -11.71 -18.95 6.29
C ASP B 168 -11.54 -17.50 6.75
N CYS B 218 7.25 -32.22 4.10
CA CYS B 218 5.80 -32.15 4.17
C CYS B 218 5.25 -31.11 3.20
N LEU B 219 6.15 -30.48 2.44
CA LEU B 219 5.72 -29.47 1.49
C LEU B 219 4.99 -30.09 0.30
N LEU B 220 5.39 -31.31 -0.10
CA LEU B 220 4.74 -31.95 -1.25
C LEU B 220 3.25 -32.18 -0.98
N LYS B 221 2.92 -32.70 0.20
CA LYS B 221 1.52 -32.90 0.53
C LYS B 221 0.80 -31.57 0.72
N LEU B 222 1.50 -30.58 1.28
CA LEU B 222 0.88 -29.29 1.55
C LEU B 222 0.50 -28.58 0.26
N TYR B 223 1.31 -28.70 -0.78
CA TYR B 223 0.97 -28.07 -2.06
C TYR B 223 -0.36 -28.58 -2.56
N LYS B 224 -0.58 -29.89 -2.53
CA LYS B 224 -1.85 -30.44 -2.99
C LYS B 224 -2.99 -30.02 -2.06
N LYS B 225 -2.76 -30.12 -0.74
CA LYS B 225 -3.80 -29.78 0.22
C LYS B 225 -4.22 -28.33 0.13
N LEU B 226 -3.36 -27.46 -0.40
CA LEU B 226 -3.71 -26.05 -0.57
C LEU B 226 -4.29 -25.77 -1.96
N LYS B 227 -3.70 -26.34 -3.00
CA LYS B 227 -4.17 -26.07 -4.35
C LYS B 227 -5.59 -26.61 -4.55
N GLU B 228 -5.86 -27.83 -4.07
CA GLU B 228 -7.19 -28.39 -4.23
C GLU B 228 -8.22 -27.54 -3.51
N GLU B 229 -7.88 -27.06 -2.31
CA GLU B 229 -8.84 -26.27 -1.53
C GLU B 229 -9.04 -24.87 -2.10
N ILE B 230 -8.02 -24.30 -2.75
CA ILE B 230 -8.22 -22.99 -3.36
C ILE B 230 -8.96 -23.12 -4.69
N LYS B 231 -8.83 -24.27 -5.36
CA LYS B 231 -9.55 -24.48 -6.60
C LYS B 231 -11.02 -24.77 -6.36
N LYS B 232 -11.35 -25.42 -5.24
CA LYS B 232 -12.74 -25.67 -4.90
C LYS B 232 -13.47 -24.39 -4.50
N GLU B 233 -12.74 -23.34 -4.17
CA GLU B 233 -13.33 -22.10 -3.66
C GLU B 233 -13.24 -20.97 -4.68
N ASN B 234 -12.82 -21.25 -5.91
CA ASN B 234 -12.73 -20.24 -6.95
C ASN B 234 -11.84 -19.08 -6.51
N LEU B 235 -10.78 -19.40 -5.79
CA LEU B 235 -9.78 -18.42 -5.38
C LEU B 235 -8.50 -18.52 -6.21
N HIS B 236 -8.53 -19.28 -7.30
CA HIS B 236 -7.29 -19.56 -8.03
C HIS B 236 -6.69 -18.29 -8.62
N ILE B 237 -7.53 -17.36 -9.08
CA ILE B 237 -7.00 -16.15 -9.71
C ILE B 237 -6.19 -15.34 -8.70
N VAL B 238 -6.77 -15.08 -7.53
CA VAL B 238 -6.08 -14.24 -6.56
C VAL B 238 -4.85 -14.95 -6.02
N ASN B 239 -4.94 -16.27 -5.81
CA ASN B 239 -3.78 -17.01 -5.33
C ASN B 239 -2.64 -16.98 -6.33
N ASP B 240 -2.96 -17.16 -7.62
CA ASP B 240 -1.92 -17.04 -8.64
C ASP B 240 -1.32 -15.65 -8.66
N ILE B 241 -2.15 -14.62 -8.55
CA ILE B 241 -1.64 -13.25 -8.57
C ILE B 241 -0.68 -13.04 -7.40
N GLU B 242 -1.07 -13.48 -6.21
CA GLU B 242 -0.21 -13.29 -5.04
C GLU B 242 1.09 -14.07 -5.18
N ASN B 243 1.01 -15.32 -5.62
CA ASN B 243 2.21 -16.15 -5.74
C ASN B 243 3.18 -15.58 -6.77
N LYS B 244 2.66 -15.02 -7.87
CA LYS B 244 3.53 -14.37 -8.82
C LYS B 244 3.98 -12.99 -8.35
N CYS B 245 3.26 -12.41 -7.39
CA CYS B 245 3.64 -11.14 -6.79
C CYS B 245 4.67 -11.29 -5.68
N ILE B 246 4.93 -12.52 -5.23
CA ILE B 246 5.96 -12.73 -4.22
C ILE B 246 7.29 -12.17 -4.69
N LEU B 247 7.65 -12.45 -5.95
CA LEU B 247 8.93 -11.98 -6.47
C LEU B 247 9.03 -10.45 -6.51
N PRO B 248 8.03 -9.71 -7.00
CA PRO B 248 8.11 -8.25 -6.90
C PRO B 248 8.30 -7.74 -5.48
N ILE B 249 7.68 -8.39 -4.50
CA ILE B 249 7.86 -7.98 -3.10
C ILE B 249 9.32 -8.14 -2.71
N CYS B 250 9.92 -9.28 -3.07
CA CYS B 250 11.32 -9.51 -2.75
C CYS B 250 12.21 -8.49 -3.46
N ASP B 251 11.87 -8.13 -4.69
CA ASP B 251 12.64 -7.11 -5.40
C ASP B 251 12.56 -5.77 -4.68
N MET B 252 11.37 -5.40 -4.22
CA MET B 252 11.22 -4.16 -3.46
C MET B 252 12.06 -4.20 -2.19
N GLU B 253 12.05 -5.33 -1.49
CA GLU B 253 12.81 -5.43 -0.25
C GLU B 253 14.31 -5.37 -0.50
N LEU B 254 14.78 -6.02 -1.56
CA LEU B 254 16.20 -6.00 -1.88
C LEU B 254 16.65 -4.60 -2.28
N ASN B 255 15.93 -3.97 -3.21
CA ASN B 255 16.37 -2.65 -3.66
C ASN B 255 16.22 -1.62 -2.56
N GLY B 256 15.06 -1.58 -1.91
CA GLY B 256 14.83 -0.52 -0.95
C GLY B 256 14.79 0.82 -1.67
N ILE B 257 14.89 1.88 -0.89
CA ILE B 257 14.86 3.24 -1.43
C ILE B 257 15.96 4.06 -0.78
N LYS B 258 16.65 4.86 -1.59
CA LYS B 258 17.81 5.63 -1.16
C LYS B 258 17.38 7.01 -0.68
N VAL B 259 18.05 7.51 0.36
CA VAL B 259 17.63 8.69 1.08
C VAL B 259 18.58 9.84 0.75
N ASP B 260 18.02 11.04 0.56
CA ASP B 260 18.81 12.27 0.41
C ASP B 260 19.17 12.81 1.80
N LEU B 261 20.19 12.18 2.39
CA LEU B 261 20.51 12.43 3.79
C LEU B 261 20.75 13.91 4.10
N GLU B 262 21.40 14.63 3.20
CA GLU B 262 21.72 16.03 3.48
C GLU B 262 20.44 16.85 3.65
N ASN B 263 19.51 16.70 2.71
CA ASN B 263 18.23 17.40 2.84
C ASN B 263 17.49 16.94 4.08
N LEU B 264 17.52 15.64 4.38
CA LEU B 264 16.83 15.12 5.54
C LEU B 264 17.33 15.75 6.83
N GLN B 265 18.65 15.85 6.99
CA GLN B 265 19.18 16.39 8.24
C GLN B 265 18.98 17.89 8.31
N LYS B 266 19.11 18.60 7.18
CA LYS B 266 18.81 20.03 7.21
C LYS B 266 17.38 20.28 7.63
N SER B 267 16.45 19.51 7.05
CA SER B 267 15.04 19.68 7.39
C SER B 267 14.77 19.28 8.83
N THR B 268 15.47 18.27 9.34
CA THR B 268 15.29 17.88 10.74
C THR B 268 15.73 19.01 11.68
N ASN B 269 16.86 19.65 11.38
CA ASN B 269 17.29 20.78 12.19
C ASN B 269 16.27 21.92 12.11
N GLU B 270 15.77 22.19 10.90
CA GLU B 270 14.78 23.27 10.75
C GLU B 270 13.52 22.99 11.55
N ILE B 271 13.01 21.75 11.46
CA ILE B 271 11.80 21.40 12.18
C ILE B 271 12.05 21.42 13.68
N LEU B 272 13.25 21.03 14.12
CA LEU B 272 13.57 21.13 15.55
C LEU B 272 13.50 22.57 16.02
N ASN B 273 14.07 23.50 15.25
CA ASN B 273 14.01 24.90 15.64
C ASN B 273 12.57 25.41 15.66
N GLU B 274 11.78 25.04 14.65
CA GLU B 274 10.40 25.49 14.60
C GLU B 274 9.60 24.94 15.77
N LEU B 275 9.79 23.66 16.10
CA LEU B 275 9.11 23.08 17.25
C LEU B 275 9.54 23.76 18.54
N ASN B 276 10.82 24.11 18.66
CA ASN B 276 11.29 24.81 19.85
C ASN B 276 10.57 26.14 20.01
N ILE B 277 10.50 26.93 18.93
CA ILE B 277 9.89 28.24 19.03
C ILE B 277 8.39 28.11 19.30
N GLU B 278 7.75 27.09 18.70
CA GLU B 278 6.32 26.90 18.93
C GLU B 278 6.05 26.45 20.35
N LYS B 279 6.92 25.59 20.90
CA LYS B 279 6.79 25.21 22.30
C LYS B 279 6.92 26.41 23.21
N ASP B 280 7.89 27.29 22.93
CA ASP B 280 8.05 28.49 23.73
C ASP B 280 6.80 29.37 23.66
N ASN B 281 6.26 29.55 22.45
CA ASN B 281 5.07 30.38 22.31
C ASN B 281 3.88 29.77 23.06
N LEU B 282 3.69 28.46 22.94
CA LEU B 282 2.56 27.81 23.61
C LEU B 282 2.71 27.90 25.13
N LYS B 283 3.92 27.68 25.65
CA LYS B 283 4.13 27.78 27.09
C LYS B 283 3.87 29.20 27.58
N LYS B 284 4.35 30.20 26.84
CA LYS B 284 4.09 31.58 27.23
C LYS B 284 2.59 31.88 27.21
N LYS B 285 1.89 31.40 26.19
CA LYS B 285 0.46 31.68 26.08
C LYS B 285 -0.33 31.03 27.20
N LEU B 286 0.01 29.77 27.53
CA LEU B 286 -0.77 29.04 28.53
C LEU B 286 -0.53 29.56 29.94
N LYS B 287 0.57 30.28 30.16
CA LYS B 287 0.87 30.85 31.48
C LYS B 287 1.00 29.78 32.55
N ASP B 288 1.44 28.58 32.17
CA ASP B 288 1.64 27.48 33.11
C ASP B 288 3.11 27.10 33.25
N GLU B 289 3.78 26.81 32.13
CA GLU B 289 5.21 26.50 32.12
C GLU B 289 5.56 25.31 33.03
N ASN B 290 4.55 24.50 33.38
CA ASN B 290 4.81 23.33 34.23
C ASN B 290 3.97 22.13 33.80
N ILE B 291 3.57 22.05 32.54
CA ILE B 291 2.68 21.00 32.05
C ILE B 291 3.25 20.48 30.74
N ASN B 292 3.32 19.16 30.60
CA ASN B 292 3.82 18.55 29.38
C ASN B 292 2.78 18.68 28.28
N VAL B 293 3.09 19.47 27.25
CA VAL B 293 2.13 19.72 26.17
C VAL B 293 1.78 18.47 25.39
N ASN B 294 2.48 17.35 25.62
CA ASN B 294 2.17 16.09 24.97
C ASN B 294 1.17 15.25 25.77
N SER B 295 0.64 15.78 26.86
CA SER B 295 -0.34 15.07 27.69
C SER B 295 -1.70 15.70 27.44
N GLN B 296 -2.53 15.02 26.64
CA GLN B 296 -3.82 15.60 26.27
C GLN B 296 -4.70 15.80 27.49
N GLN B 297 -4.68 14.83 28.42
CA GLN B 297 -5.55 14.88 29.59
C GLN B 297 -5.32 16.13 30.43
N GLN B 298 -4.13 16.72 30.38
CA GLN B 298 -3.84 17.92 31.14
C GLN B 298 -3.93 19.19 30.31
N VAL B 299 -3.55 19.15 29.03
CA VAL B 299 -3.66 20.36 28.22
C VAL B 299 -5.13 20.71 27.99
N LEU B 300 -6.00 19.71 27.92
CA LEU B 300 -7.43 20.00 27.80
C LEU B 300 -7.92 20.75 29.04
N LYS B 301 -7.48 20.34 30.23
CA LYS B 301 -7.82 21.08 31.44
C LYS B 301 -7.23 22.47 31.41
N ALA B 302 -6.00 22.61 30.95
CA ALA B 302 -5.40 23.94 30.85
C ALA B 302 -6.21 24.84 29.94
N LEU B 303 -6.70 24.29 28.83
CA LEU B 303 -7.57 25.05 27.95
C LEU B 303 -8.88 25.42 28.64
N GLN B 304 -9.44 24.49 29.40
CA GLN B 304 -10.69 24.76 30.10
C GLN B 304 -10.52 25.90 31.10
N LYS B 305 -9.41 25.89 31.85
CA LYS B 305 -9.14 26.97 32.80
C LYS B 305 -8.39 28.11 32.12
N ASN B 306 -8.89 28.52 30.96
CA ASN B 306 -8.40 29.72 30.29
C ASN B 306 -9.53 30.50 29.62
N ASN B 307 -10.78 30.06 29.79
CA ASN B 307 -11.92 30.68 29.12
C ASN B 307 -11.84 30.52 27.61
N VAL B 308 -11.80 29.26 27.18
CA VAL B 308 -11.86 28.89 25.76
C VAL B 308 -13.12 28.06 25.56
N ARG B 309 -14.02 28.54 24.70
CA ARG B 309 -15.28 27.86 24.46
C ARG B 309 -15.79 28.26 23.09
N ASP B 310 -16.73 27.47 22.57
CA ASP B 310 -17.31 27.75 21.27
C ASP B 310 -18.19 28.99 21.33
N ILE B 311 -18.43 29.58 20.16
CA ILE B 311 -19.31 30.74 20.08
C ILE B 311 -20.73 30.38 20.51
N SER B 312 -21.08 29.09 20.50
CA SER B 312 -22.38 28.62 20.95
C SER B 312 -22.39 28.26 22.42
N ASN B 313 -21.51 28.88 23.22
CA ASN B 313 -21.46 28.65 24.66
C ASN B 313 -21.22 27.17 24.97
N LYS B 314 -20.29 26.55 24.22
CA LYS B 314 -19.89 25.17 24.45
C LYS B 314 -18.43 25.14 24.83
N LEU B 315 -18.12 24.55 25.97
CA LEU B 315 -16.74 24.44 26.43
C LEU B 315 -16.01 23.34 25.70
N ILE B 316 -14.67 23.44 25.72
CA ILE B 316 -13.83 22.43 25.07
C ILE B 316 -13.97 21.11 25.80
N GLU B 317 -14.23 20.04 25.06
CA GLU B 317 -14.36 18.70 25.60
C GLU B 317 -13.29 17.75 25.06
N ASN B 318 -13.15 17.68 23.74
CA ASN B 318 -12.15 16.84 23.10
C ASN B 318 -11.23 17.72 22.26
N THR B 319 -9.95 17.37 22.21
CA THR B 319 -8.96 18.14 21.48
C THR B 319 -8.73 17.62 20.06
N SER B 320 -9.54 16.67 19.60
CA SER B 320 -9.40 16.18 18.23
C SER B 320 -9.51 17.33 17.25
N ASP B 321 -8.67 17.29 16.21
CA ASP B 321 -8.61 18.40 15.27
C ASP B 321 -9.98 18.71 14.67
N SER B 322 -10.79 17.69 14.42
CA SER B 322 -12.15 17.92 13.92
C SER B 322 -12.94 18.76 14.92
N ASN B 323 -12.94 18.36 16.19
CA ASN B 323 -13.60 19.15 17.22
C ASN B 323 -12.80 20.39 17.57
N LEU B 324 -11.48 20.35 17.36
CA LEU B 324 -10.64 21.49 17.73
C LEU B 324 -10.84 22.67 16.78
N LYS B 325 -11.24 22.41 15.54
CA LYS B 325 -11.48 23.49 14.59
C LYS B 325 -12.78 24.21 14.92
N ASN B 326 -13.79 23.47 15.37
CA ASN B 326 -15.07 24.09 15.71
C ASN B 326 -14.90 25.21 16.71
N PHE B 327 -13.96 25.05 17.65
CA PHE B 327 -13.82 25.95 18.79
C PHE B 327 -12.74 26.99 18.55
N LEU B 328 -12.61 27.43 17.29
CA LEU B 328 -11.64 28.43 16.90
C LEU B 328 -12.16 29.79 17.38
N ASN B 329 -11.55 30.88 16.93
CA ASN B 329 -11.84 32.25 17.37
C ASN B 329 -11.25 32.54 18.75
N HIS B 330 -10.50 31.61 19.33
CA HIS B 330 -9.74 31.83 20.54
C HIS B 330 -8.26 31.74 20.20
N GLU B 331 -7.48 32.71 20.71
CA GLU B 331 -6.07 32.75 20.35
C GLU B 331 -5.27 31.78 21.21
N GLU B 332 -5.76 30.54 21.35
CA GLU B 332 -5.01 29.45 21.93
C GLU B 332 -5.12 28.15 21.15
N ILE B 333 -6.18 27.95 20.38
CA ILE B 333 -6.33 26.72 19.61
C ILE B 333 -5.37 26.69 18.44
N ILE B 334 -5.13 27.85 17.82
CA ILE B 334 -4.18 27.91 16.72
C ILE B 334 -2.81 27.40 17.18
N SER B 335 -2.38 27.84 18.37
CA SER B 335 -1.08 27.41 18.88
C SER B 335 -1.06 25.90 19.11
N LEU B 336 -2.13 25.35 19.69
CA LEU B 336 -2.16 23.92 19.94
C LEU B 336 -2.10 23.13 18.64
N ARG B 337 -2.90 23.54 17.64
CA ARG B 337 -2.90 22.83 16.37
C ARG B 337 -1.53 22.89 15.71
N ASN B 338 -0.94 24.09 15.64
CA ASN B 338 0.36 24.23 14.99
C ASN B 338 1.43 23.43 15.71
N TYR B 339 1.52 23.58 17.02
CA TYR B 339 2.52 22.72 17.70
C TYR B 339 2.23 21.26 17.39
N ARG B 340 1.02 20.77 17.60
CA ARG B 340 0.80 19.33 17.43
C ARG B 340 1.23 18.87 16.05
N ARG B 341 0.92 19.66 15.02
CA ARG B 341 1.34 19.29 13.66
C ARG B 341 2.85 19.23 13.57
N LEU B 342 3.53 20.27 14.08
CA LEU B 342 4.99 20.28 14.01
C LEU B 342 5.59 19.14 14.82
N TYR B 343 5.02 18.87 15.99
CA TYR B 343 5.56 17.80 16.84
C TYR B 343 5.41 16.44 16.18
N LYS B 344 4.27 16.19 15.53
CA LYS B 344 4.15 14.93 14.81
C LYS B 344 5.15 14.87 13.66
N LEU B 345 5.20 15.92 12.83
CA LEU B 345 6.13 15.92 11.71
C LEU B 345 7.57 15.70 12.16
N TYR B 346 7.90 16.14 13.38
CA TYR B 346 9.25 15.96 13.89
C TYR B 346 9.43 14.55 14.46
N SER B 347 8.73 14.25 15.55
CA SER B 347 8.98 13.02 16.29
C SER B 347 8.59 11.78 15.49
N ALA B 348 7.41 11.80 14.87
CA ALA B 348 6.87 10.56 14.32
C ALA B 348 7.78 9.99 13.24
N PHE B 349 8.33 10.85 12.38
CA PHE B 349 9.13 10.40 11.25
C PHE B 349 10.53 10.98 11.23
N TYR B 350 10.68 12.29 11.37
CA TYR B 350 11.98 12.90 11.10
C TYR B 350 13.07 12.34 12.00
N LEU B 351 12.76 12.18 13.30
CA LEU B 351 13.76 11.65 14.22
C LEU B 351 14.01 10.16 13.97
N LYS B 352 12.96 9.42 13.59
CA LYS B 352 13.03 7.97 13.50
C LYS B 352 13.41 7.47 12.12
N LEU B 353 13.70 8.36 11.17
CA LEU B 353 14.02 7.93 9.82
C LEU B 353 15.49 7.50 9.74
N PRO B 354 16.44 8.29 10.23
CA PRO B 354 17.85 7.89 10.13
C PRO B 354 18.17 6.63 10.92
N LEU B 355 17.37 6.29 11.94
CA LEU B 355 17.63 5.09 12.73
C LEU B 355 17.24 3.81 12.01
N HIS B 356 16.49 3.90 10.92
CA HIS B 356 16.04 2.73 10.18
C HIS B 356 16.85 2.48 8.91
N ILE B 357 17.92 3.24 8.70
CA ILE B 357 18.73 3.11 7.50
C ILE B 357 19.82 2.07 7.75
N ASN B 358 19.86 1.05 6.91
CA ASN B 358 20.90 0.03 7.01
C ASN B 358 22.26 0.63 6.68
N THR B 359 23.28 0.20 7.40
CA THR B 359 24.63 0.70 7.18
C THR B 359 25.18 0.17 5.85
N LYS B 360 26.27 0.80 5.41
CA LYS B 360 27.08 0.44 4.24
C LYS B 360 26.26 0.44 2.96
N THR B 361 25.00 0.87 3.02
CA THR B 361 24.15 1.02 1.85
C THR B 361 23.28 2.26 1.88
N ASN B 362 23.19 2.96 3.01
CA ASN B 362 22.44 4.21 3.13
C ASN B 362 21.10 4.15 2.41
N LYS B 363 20.45 2.99 2.45
CA LYS B 363 19.14 2.79 1.84
C LYS B 363 18.17 2.22 2.86
N ILE B 364 16.95 2.76 2.89
CA ILE B 364 15.90 2.26 3.76
C ILE B 364 15.38 0.95 3.17
N HIS B 365 15.54 -0.14 3.91
CA HIS B 365 15.03 -1.44 3.50
C HIS B 365 13.85 -1.76 4.41
N THR B 366 12.66 -1.38 3.97
CA THR B 366 11.46 -1.58 4.76
C THR B 366 11.07 -3.05 4.77
N THR B 367 9.93 -3.34 5.37
CA THR B 367 9.35 -4.67 5.37
C THR B 367 7.94 -4.57 4.80
N PHE B 368 7.67 -5.34 3.76
CA PHE B 368 6.37 -5.31 3.08
C PHE B 368 5.59 -6.55 3.44
N ASN B 369 4.34 -6.37 3.84
CA ASN B 369 3.45 -7.46 4.17
C ASN B 369 2.34 -7.54 3.13
N GLN B 370 1.92 -8.77 2.83
CA GLN B 370 0.99 -9.02 1.74
C GLN B 370 -0.44 -9.30 2.21
N LEU B 371 -0.61 -9.82 3.43
CA LEU B 371 -1.93 -10.19 3.90
C LEU B 371 -2.18 -9.79 5.35
N LYS B 372 -1.46 -8.80 5.87
CA LYS B 372 -1.70 -8.31 7.22
C LYS B 372 -2.78 -7.25 7.27
N THR B 373 -3.32 -6.84 6.13
CA THR B 373 -4.40 -5.86 6.06
C THR B 373 -5.70 -6.59 5.71
N PHE B 374 -6.80 -6.13 6.30
CA PHE B 374 -8.06 -6.84 6.19
C PHE B 374 -8.53 -6.92 4.74
N SER B 375 -8.41 -5.81 4.00
CA SER B 375 -8.92 -5.72 2.64
C SER B 375 -7.96 -6.27 1.60
N GLY B 376 -6.74 -6.64 1.98
CA GLY B 376 -5.75 -7.12 1.05
C GLY B 376 -4.75 -6.09 0.57
N ARG B 377 -4.72 -4.90 1.17
CA ARG B 377 -3.77 -3.88 0.81
C ARG B 377 -2.41 -4.20 1.43
N PHE B 378 -1.46 -3.28 1.33
CA PHE B 378 -0.09 -3.50 1.76
C PHE B 378 0.17 -2.78 3.07
N SER B 379 0.76 -3.50 4.03
CA SER B 379 1.17 -2.95 5.32
C SER B 379 2.68 -2.99 5.41
N SER B 380 3.27 -1.84 5.74
CA SER B 380 4.73 -1.71 5.89
C SER B 380 5.02 -1.50 7.38
N GLU B 381 5.28 -2.60 8.08
CA GLU B 381 5.42 -2.59 9.54
C GLU B 381 6.74 -2.02 10.01
N LYS B 382 7.66 -1.71 9.11
CA LYS B 382 8.87 -0.96 9.44
C LYS B 382 8.84 0.29 8.59
N PRO B 383 9.85 1.21 8.67
CA PRO B 383 9.56 2.63 8.43
C PRO B 383 8.56 2.84 7.31
N ASN B 384 7.40 3.40 7.67
CA ASN B 384 6.25 3.40 6.78
C ASN B 384 6.49 4.43 5.69
N LEU B 385 7.11 3.97 4.60
CA LEU B 385 7.22 4.82 3.42
C LEU B 385 5.87 5.12 2.81
N GLN B 386 4.83 4.37 3.19
CA GLN B 386 3.47 4.69 2.77
C GLN B 386 2.95 5.94 3.46
N GLN B 387 3.41 6.20 4.70
CA GLN B 387 2.85 7.25 5.54
C GLN B 387 3.58 8.57 5.39
N ILE B 388 4.54 8.69 4.47
CA ILE B 388 5.28 9.95 4.37
C ILE B 388 4.29 11.08 4.07
N PRO B 389 4.46 12.27 4.65
CA PRO B 389 3.46 13.32 4.44
C PRO B 389 3.25 13.63 2.97
N ARG B 390 2.05 13.95 2.59
CA ARG B 390 1.83 14.10 1.15
C ARG B 390 2.75 15.18 0.66
N GLN B 391 2.87 16.25 1.43
CA GLN B 391 3.59 17.40 0.88
C GLN B 391 4.88 16.94 0.23
N LYS B 392 5.18 17.50 -0.94
CA LYS B 392 6.36 17.10 -1.70
C LYS B 392 7.66 17.44 -0.97
N ASN B 393 7.66 18.46 -0.11
CA ASN B 393 8.88 18.88 0.55
C ASN B 393 9.44 17.82 1.50
N ILE B 394 8.65 16.81 1.85
CA ILE B 394 9.15 15.68 2.63
C ILE B 394 9.59 14.54 1.73
N ARG B 395 8.76 14.15 0.76
CA ARG B 395 9.10 13.04 -0.12
C ARG B 395 10.22 13.38 -1.10
N GLU B 396 10.64 14.64 -1.19
CA GLU B 396 11.80 14.99 -2.01
C GLU B 396 13.10 14.41 -1.47
N ILE B 397 13.09 13.83 -0.26
CA ILE B 397 14.30 13.26 0.32
C ILE B 397 14.57 11.84 -0.13
N PHE B 398 13.71 11.25 -0.95
CA PHE B 398 13.89 9.90 -1.46
C PHE B 398 14.30 9.98 -2.92
N ILE B 399 15.36 9.27 -3.29
CA ILE B 399 16.06 9.53 -4.55
C ILE B 399 16.45 8.22 -5.21
N PRO B 400 16.72 8.26 -6.51
CA PRO B 400 17.27 7.08 -7.19
C PRO B 400 18.76 6.92 -6.95
N ASN B 401 19.24 5.71 -7.21
CA ASN B 401 20.68 5.49 -7.33
C ASN B 401 21.22 6.32 -8.49
N ASP B 402 22.49 6.71 -8.38
CA ASP B 402 23.04 7.66 -9.33
C ASP B 402 22.91 7.15 -10.76
N ASN B 403 22.67 8.09 -11.68
CA ASN B 403 22.58 7.84 -13.12
C ASN B 403 21.29 7.13 -13.51
N ASN B 404 20.51 6.68 -12.54
CA ASN B 404 19.22 6.07 -12.83
C ASN B 404 18.08 7.07 -12.62
N ILE B 405 16.86 6.63 -12.93
CA ILE B 405 15.67 7.47 -12.85
C ILE B 405 14.47 6.60 -12.50
N PHE B 406 13.44 7.25 -11.95
CA PHE B 406 12.21 6.58 -11.57
C PHE B 406 11.08 6.82 -12.58
N ILE B 407 10.22 5.81 -12.72
CA ILE B 407 8.91 5.95 -13.33
C ILE B 407 7.89 5.85 -12.22
N ILE B 408 6.92 6.76 -12.18
CA ILE B 408 5.85 6.71 -11.20
C ILE B 408 4.51 6.69 -11.92
N ALA B 409 3.60 5.86 -11.42
CA ALA B 409 2.26 5.74 -11.98
C ALA B 409 1.24 5.73 -10.87
N ASP B 410 0.17 6.52 -11.03
CA ASP B 410 -0.90 6.65 -10.05
C ASP B 410 -2.22 6.48 -10.77
N PHE B 411 -3.10 5.64 -10.22
CA PHE B 411 -4.41 5.43 -10.81
C PHE B 411 -5.23 6.71 -10.76
N LYS B 412 -5.95 6.98 -11.84
CA LYS B 412 -6.81 8.16 -11.93
C LYS B 412 -8.21 7.77 -11.47
N GLN B 413 -8.52 8.13 -10.22
CA GLN B 413 -9.85 7.91 -9.65
C GLN B 413 -10.26 6.45 -9.78
N ILE B 414 -9.39 5.58 -9.26
CA ILE B 414 -9.64 4.14 -9.36
C ILE B 414 -10.95 3.79 -8.67
N GLU B 415 -11.21 4.37 -7.52
CA GLU B 415 -12.48 4.11 -6.84
C GLU B 415 -13.56 5.02 -7.41
N LEU B 416 -14.81 4.62 -7.18
CA LEU B 416 -15.98 5.16 -7.87
C LEU B 416 -16.04 4.67 -9.32
N LYS B 417 -15.00 3.95 -9.77
CA LYS B 417 -15.08 3.21 -11.02
C LYS B 417 -15.37 1.75 -10.76
N ILE B 418 -14.72 1.15 -9.77
CA ILE B 418 -15.13 -0.16 -9.30
C ILE B 418 -16.55 -0.08 -8.75
N ALA B 419 -16.87 0.99 -8.04
CA ALA B 419 -18.22 1.18 -7.56
C ALA B 419 -19.20 1.31 -8.72
N ALA B 420 -18.82 2.06 -9.75
CA ALA B 420 -19.70 2.21 -10.91
C ALA B 420 -20.00 0.85 -11.55
N GLU B 421 -18.98 0.01 -11.73
CA GLU B 421 -19.19 -1.28 -12.37
C GLU B 421 -19.96 -2.23 -11.46
N ILE B 422 -19.70 -2.19 -10.15
CA ILE B 422 -20.43 -3.04 -9.22
C ILE B 422 -21.90 -2.64 -9.20
N THR B 423 -22.19 -1.35 -9.29
CA THR B 423 -23.55 -0.83 -9.21
C THR B 423 -24.27 -0.88 -10.55
N ASN B 424 -23.54 -1.00 -11.65
CA ASN B 424 -24.14 -0.91 -12.99
C ASN B 424 -24.87 0.42 -13.15
N ASP B 425 -24.32 1.46 -12.53
CA ASP B 425 -24.93 2.78 -12.59
C ASP B 425 -24.71 3.39 -13.96
N GLU B 426 -25.79 3.57 -14.72
CA GLU B 426 -25.67 4.03 -16.10
C GLU B 426 -25.11 5.45 -16.17
N ILE B 427 -25.59 6.34 -15.29
CA ILE B 427 -25.16 7.73 -15.35
C ILE B 427 -23.69 7.85 -14.98
N MET B 428 -23.24 7.07 -14.00
CA MET B 428 -21.82 7.09 -13.64
C MET B 428 -20.95 6.72 -14.83
N LEU B 429 -21.25 5.59 -15.48
CA LEU B 429 -20.44 5.14 -16.59
C LEU B 429 -20.52 6.10 -17.77
N LYS B 430 -21.70 6.68 -17.99
CA LYS B 430 -21.83 7.68 -19.05
C LYS B 430 -20.95 8.89 -18.76
N ALA B 431 -20.93 9.36 -17.52
CA ALA B 431 -20.06 10.47 -17.16
C ALA B 431 -18.59 10.09 -17.29
N TYR B 432 -18.23 8.87 -16.90
CA TYR B 432 -16.85 8.44 -17.02
C TYR B 432 -16.40 8.42 -18.48
N ASN B 433 -17.29 8.00 -19.38
CA ASN B 433 -16.98 8.05 -20.80
C ASN B 433 -16.77 9.48 -21.29
N ASN B 434 -17.28 10.47 -20.55
CA ASN B 434 -17.10 11.87 -20.92
C ASN B 434 -15.88 12.51 -20.27
N ASN B 435 -15.16 11.77 -19.42
CA ASN B 435 -13.92 12.26 -18.81
C ASN B 435 -14.18 13.49 -17.95
N ILE B 436 -15.02 13.31 -16.93
CA ILE B 436 -15.30 14.33 -15.93
C ILE B 436 -15.10 13.72 -14.55
N ASP B 437 -14.36 14.42 -13.69
CA ASP B 437 -14.04 13.91 -12.37
C ASP B 437 -15.27 13.95 -11.47
N LEU B 438 -15.57 12.83 -10.81
CA LEU B 438 -16.63 12.83 -9.80
C LEU B 438 -16.23 13.67 -8.60
N HIS B 439 -14.96 13.58 -8.19
CA HIS B 439 -14.50 14.36 -7.05
C HIS B 439 -14.60 15.86 -7.35
N THR B 440 -14.23 16.26 -8.56
CA THR B 440 -14.35 17.68 -8.92
C THR B 440 -15.80 18.12 -8.96
N LEU B 441 -16.70 17.24 -9.39
CA LEU B 441 -18.12 17.58 -9.42
C LEU B 441 -18.67 17.75 -8.01
N THR B 442 -18.42 16.77 -7.14
CA THR B 442 -18.87 16.88 -5.75
C THR B 442 -18.16 18.02 -5.01
N ALA B 443 -17.03 18.49 -5.53
CA ALA B 443 -16.46 19.73 -5.04
C ALA B 443 -17.28 20.93 -5.50
N SER B 444 -17.39 21.11 -6.81
CA SER B 444 -18.02 22.31 -7.35
C SER B 444 -19.47 22.46 -6.93
N ILE B 445 -20.17 21.36 -6.63
CA ILE B 445 -21.56 21.46 -6.22
C ILE B 445 -21.67 22.24 -4.91
N ILE B 446 -20.80 21.94 -3.94
CA ILE B 446 -20.73 22.71 -2.71
C ILE B 446 -19.30 23.16 -2.43
N THR B 447 -18.93 24.31 -2.99
CA THR B 447 -17.64 24.94 -2.74
C THR B 447 -17.58 26.22 -3.57
N LYS B 448 -16.38 26.78 -3.70
CA LYS B 448 -16.15 27.88 -4.63
C LYS B 448 -16.67 27.50 -6.01
N LYS B 449 -17.37 28.45 -6.64
CA LYS B 449 -18.12 28.14 -7.84
C LYS B 449 -17.20 27.72 -8.99
N ASN B 450 -17.83 27.20 -10.05
CA ASN B 450 -17.15 26.76 -11.26
C ASN B 450 -16.31 25.51 -11.01
N ILE B 451 -16.10 24.72 -12.06
CA ILE B 451 -15.37 23.46 -11.98
C ILE B 451 -13.86 23.72 -11.98
N PRO B 452 -13.31 24.50 -12.91
CA PRO B 452 -11.85 24.58 -13.02
C PRO B 452 -11.15 25.25 -11.83
N ASP B 453 -11.90 25.83 -10.89
CA ASP B 453 -11.30 26.50 -9.74
C ASP B 453 -11.09 25.58 -8.55
N ILE B 454 -10.96 24.27 -8.79
CA ILE B 454 -10.69 23.29 -7.74
C ILE B 454 -9.19 23.06 -7.65
N ASN B 455 -8.65 23.21 -6.44
CA ASN B 455 -7.24 22.96 -6.17
C ASN B 455 -7.09 21.60 -5.49
N LYS B 456 -5.86 21.28 -5.06
CA LYS B 456 -5.59 19.98 -4.48
C LYS B 456 -6.34 19.78 -3.17
N GLU B 457 -6.35 20.79 -2.29
CA GLU B 457 -7.07 20.65 -1.04
C GLU B 457 -8.57 20.53 -1.27
N ASP B 458 -9.12 21.31 -2.20
CA ASP B 458 -10.52 21.19 -2.54
C ASP B 458 -10.83 19.79 -3.07
N ARG B 459 -9.98 19.29 -3.96
CA ARG B 459 -10.18 17.94 -4.49
C ARG B 459 -10.10 16.91 -3.37
N HIS B 460 -9.23 17.13 -2.39
CA HIS B 460 -9.07 16.16 -1.31
C HIS B 460 -10.31 16.13 -0.41
N ILE B 461 -10.81 17.30 -0.02
CA ILE B 461 -11.99 17.33 0.83
C ILE B 461 -13.20 16.78 0.08
N ALA B 462 -13.29 17.07 -1.22
CA ALA B 462 -14.36 16.48 -2.02
C ALA B 462 -14.21 14.97 -2.13
N LYS B 463 -12.98 14.48 -2.21
CA LYS B 463 -12.73 13.05 -2.17
C LYS B 463 -13.24 12.45 -0.88
N ALA B 464 -12.98 13.11 0.23
CA ALA B 464 -13.49 12.65 1.52
C ALA B 464 -15.01 12.60 1.51
N ILE B 465 -15.66 13.65 0.98
CA ILE B 465 -17.12 13.70 0.98
C ILE B 465 -17.68 12.58 0.11
N ASN B 466 -17.11 12.39 -1.08
CA ASN B 466 -17.62 11.38 -2.00
C ASN B 466 -17.51 9.99 -1.39
N PHE B 467 -16.35 9.65 -0.84
CA PHE B 467 -16.22 8.33 -0.24
C PHE B 467 -17.10 8.19 1.00
N GLY B 468 -17.21 9.25 1.81
CA GLY B 468 -18.15 9.23 2.91
C GLY B 468 -19.53 8.80 2.48
N LEU B 469 -20.17 9.62 1.63
CA LEU B 469 -21.57 9.37 1.30
C LEU B 469 -21.76 8.21 0.34
N ILE B 470 -20.73 7.81 -0.41
CA ILE B 470 -20.80 6.56 -1.16
C ILE B 470 -20.83 5.37 -0.21
N TYR B 471 -20.03 5.43 0.86
CA TYR B 471 -19.98 4.36 1.84
C TYR B 471 -20.94 4.56 3.02
N GLY B 472 -21.57 5.72 3.16
CA GLY B 472 -22.67 5.84 4.10
C GLY B 472 -22.73 7.08 4.97
N MET B 473 -21.86 8.06 4.76
CA MET B 473 -21.88 9.28 5.55
C MET B 473 -23.22 9.99 5.41
N ASN B 474 -23.83 10.36 6.53
CA ASN B 474 -25.15 10.99 6.53
C ASN B 474 -25.02 12.50 6.35
N TYR B 475 -26.16 13.16 6.22
CA TYR B 475 -26.19 14.57 5.86
C TYR B 475 -25.83 15.49 7.02
N VAL B 476 -26.05 15.09 8.28
CA VAL B 476 -25.67 15.96 9.38
C VAL B 476 -24.18 15.84 9.66
N ASN B 477 -23.64 14.62 9.65
CA ASN B 477 -22.20 14.45 9.73
C ASN B 477 -21.52 15.09 8.52
N LEU B 478 -22.15 15.00 7.35
CA LEU B 478 -21.60 15.65 6.18
C LEU B 478 -21.61 17.17 6.35
N LYS B 479 -22.68 17.72 6.95
CA LYS B 479 -22.72 19.14 7.26
C LYS B 479 -21.57 19.52 8.18
N ASN B 480 -21.35 18.73 9.24
CA ASN B 480 -20.26 19.02 10.16
C ASN B 480 -18.92 18.99 9.44
N TYR B 481 -18.70 17.97 8.61
CA TYR B 481 -17.44 17.85 7.89
C TYR B 481 -17.22 19.04 6.96
N ALA B 482 -18.24 19.39 6.17
CA ALA B 482 -18.10 20.49 5.23
C ALA B 482 -17.91 21.81 5.96
N ASN B 483 -18.59 22.01 7.09
CA ASN B 483 -18.46 23.26 7.81
C ASN B 483 -17.08 23.37 8.46
N THR B 484 -16.58 22.26 9.02
CA THR B 484 -15.28 22.28 9.65
C THR B 484 -14.17 22.51 8.63
N TYR B 485 -14.17 21.71 7.57
CA TYR B 485 -13.11 21.76 6.58
C TYR B 485 -13.33 22.82 5.51
N TYR B 486 -14.49 23.47 5.48
CA TYR B 486 -14.72 24.55 4.54
C TYR B 486 -15.56 25.63 5.20
N GLY B 487 -15.35 26.88 4.77
CA GLY B 487 -15.99 28.03 5.37
C GLY B 487 -17.39 28.31 4.85
N LEU B 488 -18.15 27.25 4.57
CA LEU B 488 -19.46 27.44 3.96
C LEU B 488 -20.44 28.13 4.90
N ASN B 489 -20.49 27.70 6.16
CA ASN B 489 -21.59 28.06 7.05
C ASN B 489 -22.92 27.57 6.49
N MET B 490 -22.90 26.39 5.88
CA MET B 490 -24.08 25.84 5.23
C MET B 490 -25.09 25.35 6.27
N SER B 491 -26.37 25.60 6.01
CA SER B 491 -27.43 25.19 6.90
C SER B 491 -27.80 23.72 6.68
N LEU B 492 -28.52 23.15 7.66
CA LEU B 492 -28.87 21.74 7.61
C LEU B 492 -29.82 21.42 6.46
N ASP B 493 -30.80 22.29 6.21
CA ASP B 493 -31.78 22.01 5.17
C ASP B 493 -31.14 21.96 3.79
N GLN B 494 -30.25 22.92 3.51
CA GLN B 494 -29.53 22.91 2.25
C GLN B 494 -28.70 21.64 2.10
N CYS B 495 -28.05 21.21 3.18
CA CYS B 495 -27.27 19.99 3.13
C CYS B 495 -28.14 18.78 2.85
N LEU B 496 -29.31 18.70 3.50
CA LEU B 496 -30.21 17.59 3.24
C LEU B 496 -30.66 17.58 1.79
N TYR B 497 -30.98 18.76 1.25
CA TYR B 497 -31.39 18.83 -0.15
C TYR B 497 -30.28 18.36 -1.07
N PHE B 498 -29.04 18.78 -0.79
CA PHE B 498 -27.90 18.35 -1.61
C PHE B 498 -27.70 16.84 -1.52
N TYR B 499 -27.79 16.29 -0.32
CA TYR B 499 -27.66 14.85 -0.12
C TYR B 499 -28.69 14.09 -0.94
N ASN B 500 -29.96 14.53 -0.85
CA ASN B 500 -31.01 13.87 -1.62
C ASN B 500 -30.78 14.03 -3.12
N SER B 501 -30.33 15.20 -3.54
CA SER B 501 -30.05 15.44 -4.96
C SER B 501 -29.00 14.48 -5.48
N PHE B 502 -27.91 14.31 -4.73
CA PHE B 502 -26.88 13.37 -5.16
C PHE B 502 -27.42 11.95 -5.19
N PHE B 503 -28.13 11.55 -4.14
CA PHE B 503 -28.61 10.17 -4.07
C PHE B 503 -29.67 9.85 -5.11
N GLU B 504 -30.38 10.85 -5.64
CA GLU B 504 -31.34 10.61 -6.70
C GLU B 504 -30.71 10.75 -8.08
N HIS B 505 -29.69 11.59 -8.21
CA HIS B 505 -29.02 11.76 -9.50
C HIS B 505 -28.38 10.46 -9.96
N TYR B 506 -27.71 9.75 -9.05
CA TYR B 506 -27.11 8.46 -9.34
C TYR B 506 -28.03 7.37 -8.81
N LYS B 507 -29.03 7.02 -9.63
CA LYS B 507 -30.05 6.08 -9.17
C LYS B 507 -29.44 4.72 -8.82
N GLY B 508 -28.45 4.29 -9.59
CA GLY B 508 -27.81 3.01 -9.29
C GLY B 508 -27.17 3.00 -7.92
N ILE B 509 -26.55 4.11 -7.53
CA ILE B 509 -25.94 4.19 -6.21
C ILE B 509 -27.00 4.01 -5.13
N TYR B 510 -28.14 4.69 -5.28
CA TYR B 510 -29.21 4.58 -4.29
C TYR B 510 -29.76 3.15 -4.23
N LYS B 511 -29.97 2.54 -5.39
CA LYS B 511 -30.50 1.18 -5.42
C LYS B 511 -29.53 0.20 -4.75
N TRP B 512 -28.24 0.37 -5.03
CA TRP B 512 -27.21 -0.46 -4.38
C TRP B 512 -27.25 -0.28 -2.86
N HIS B 513 -27.32 0.98 -2.40
CA HIS B 513 -27.45 1.23 -0.97
C HIS B 513 -28.65 0.48 -0.41
N ASN B 514 -29.77 0.53 -1.13
CA ASN B 514 -30.97 -0.15 -0.66
C ASN B 514 -30.75 -1.64 -0.49
N GLN B 515 -30.25 -2.30 -1.54
CA GLN B 515 -30.12 -3.76 -1.47
C GLN B 515 -29.13 -4.15 -0.38
N VAL B 516 -28.02 -3.43 -0.26
CA VAL B 516 -27.05 -3.79 0.77
C VAL B 516 -27.65 -3.58 2.15
N LYS B 517 -28.50 -2.55 2.31
CA LYS B 517 -29.14 -2.34 3.60
C LYS B 517 -30.09 -3.48 3.94
N GLN B 518 -30.89 -3.92 2.97
CA GLN B 518 -31.86 -4.98 3.27
C GLN B 518 -31.17 -6.30 3.57
N LYS B 519 -30.22 -6.70 2.72
CA LYS B 519 -29.56 -7.99 2.88
C LYS B 519 -28.62 -7.98 4.07
N ARG B 520 -28.56 -9.11 4.77
CA ARG B 520 -27.69 -9.31 5.92
C ARG B 520 -26.94 -10.64 5.79
N ALA B 521 -26.42 -10.90 4.60
CA ALA B 521 -25.77 -12.19 4.35
C ALA B 521 -24.48 -12.34 5.16
N LEU B 522 -23.79 -11.23 5.44
CA LEU B 522 -22.53 -11.18 6.19
C LEU B 522 -21.36 -11.73 5.40
N GLN B 523 -21.58 -12.24 4.19
CA GLN B 523 -20.50 -12.73 3.32
C GLN B 523 -20.34 -11.75 2.17
N TYR B 524 -19.11 -11.28 1.96
CA TYR B 524 -18.83 -10.27 0.95
C TYR B 524 -17.62 -10.69 0.12
N SER B 525 -17.45 -10.02 -1.01
CA SER B 525 -16.39 -10.38 -1.94
C SER B 525 -16.08 -9.17 -2.83
N THR B 526 -14.96 -9.26 -3.53
CA THR B 526 -14.56 -8.27 -4.52
C THR B 526 -14.59 -8.93 -5.90
N LEU B 527 -14.13 -8.20 -6.91
CA LEU B 527 -14.23 -8.68 -8.28
C LEU B 527 -13.33 -9.87 -8.57
N SER B 528 -12.41 -10.22 -7.67
CA SER B 528 -11.57 -11.40 -7.83
C SER B 528 -11.92 -12.48 -6.81
N ASN B 529 -13.16 -12.48 -6.32
CA ASN B 529 -13.65 -13.54 -5.44
C ASN B 529 -12.84 -13.66 -4.16
N ARG B 530 -12.35 -12.53 -3.64
CA ARG B 530 -11.65 -12.52 -2.36
C ARG B 530 -12.69 -12.49 -1.25
N LYS B 531 -13.16 -13.68 -0.88
CA LYS B 531 -14.29 -13.80 0.03
C LYS B 531 -13.90 -13.41 1.46
N VAL B 532 -14.84 -12.83 2.18
CA VAL B 532 -14.66 -12.42 3.57
C VAL B 532 -15.93 -12.73 4.34
N ILE B 533 -15.78 -13.21 5.57
CA ILE B 533 -16.89 -13.47 6.48
C ILE B 533 -16.84 -12.41 7.57
N PHE B 534 -17.77 -11.45 7.51
CA PHE B 534 -17.82 -10.39 8.51
C PHE B 534 -18.30 -10.95 9.84
N PRO B 535 -17.89 -10.34 10.96
CA PRO B 535 -18.40 -10.80 12.27
C PRO B 535 -19.81 -10.29 12.54
N TYR B 536 -20.08 -9.04 12.15
CA TYR B 536 -21.41 -8.47 12.24
C TYR B 536 -21.65 -7.61 11.01
N PHE B 537 -22.94 -7.37 10.72
CA PHE B 537 -23.31 -6.56 9.57
C PHE B 537 -23.02 -5.09 9.88
N SER B 538 -21.97 -4.55 9.28
CA SER B 538 -21.67 -3.13 9.34
C SER B 538 -21.91 -2.53 7.96
N PHE B 539 -22.81 -1.55 7.90
CA PHE B 539 -23.25 -1.02 6.61
C PHE B 539 -22.07 -0.43 5.84
N THR B 540 -21.34 0.51 6.45
CA THR B 540 -20.27 1.18 5.73
C THR B 540 -19.11 0.23 5.48
N LYS B 541 -18.79 -0.64 6.43
CA LYS B 541 -17.75 -1.64 6.19
C LYS B 541 -18.13 -2.53 5.02
N ALA B 542 -19.40 -2.94 4.96
CA ALA B 542 -19.87 -3.77 3.87
C ALA B 542 -19.73 -3.07 2.53
N LEU B 543 -20.11 -1.80 2.46
CA LEU B 543 -19.96 -1.07 1.20
C LEU B 543 -18.50 -0.85 0.85
N ASN B 544 -17.62 -0.73 1.85
CA ASN B 544 -16.25 -0.35 1.58
C ASN B 544 -15.36 -1.54 1.21
N TYR B 545 -15.66 -2.73 1.73
CA TYR B 545 -14.79 -3.87 1.44
C TYR B 545 -14.62 -4.14 -0.06
N PRO B 546 -15.69 -4.25 -0.86
CA PRO B 546 -15.50 -4.69 -2.25
C PRO B 546 -14.62 -3.76 -3.06
N VAL B 547 -14.82 -2.45 -2.95
CA VAL B 547 -14.11 -1.52 -3.83
C VAL B 547 -12.62 -1.53 -3.52
N GLN B 548 -12.27 -1.43 -2.24
CA GLN B 548 -10.85 -1.41 -1.88
C GLN B 548 -10.19 -2.77 -2.12
N GLY B 549 -10.92 -3.86 -1.91
CA GLY B 549 -10.35 -5.17 -2.23
C GLY B 549 -10.05 -5.31 -3.71
N THR B 550 -10.97 -4.86 -4.57
CA THR B 550 -10.71 -4.90 -6.00
C THR B 550 -9.53 -3.99 -6.37
N CYS B 551 -9.43 -2.82 -5.73
CA CYS B 551 -8.31 -1.94 -6.01
C CYS B 551 -6.98 -2.63 -5.66
N ALA B 552 -6.93 -3.30 -4.50
CA ALA B 552 -5.72 -4.01 -4.11
C ALA B 552 -5.39 -5.13 -5.08
N ASP B 553 -6.41 -5.86 -5.52
CA ASP B 553 -6.17 -6.96 -6.47
C ASP B 553 -5.64 -6.43 -7.80
N ILE B 554 -6.21 -5.32 -8.28
CA ILE B 554 -5.70 -4.70 -9.50
C ILE B 554 -4.24 -4.30 -9.30
N LEU B 555 -3.91 -3.72 -8.14
CA LEU B 555 -2.53 -3.33 -7.89
C LEU B 555 -1.59 -4.53 -7.90
N LYS B 556 -2.00 -5.63 -7.27
CA LYS B 556 -1.16 -6.83 -7.23
C LYS B 556 -0.92 -7.38 -8.63
N LEU B 557 -1.97 -7.47 -9.44
CA LEU B 557 -1.79 -7.98 -10.80
C LEU B 557 -0.92 -7.05 -11.62
N ALA B 558 -1.07 -5.73 -11.43
CA ALA B 558 -0.21 -4.79 -12.12
C ALA B 558 1.25 -5.02 -11.75
N LEU B 559 1.52 -5.26 -10.46
CA LEU B 559 2.90 -5.53 -10.04
C LEU B 559 3.41 -6.82 -10.67
N VAL B 560 2.57 -7.86 -10.70
CA VAL B 560 3.00 -9.13 -11.27
C VAL B 560 3.42 -8.94 -12.72
N ASP B 561 2.57 -8.29 -13.52
CA ASP B 561 2.91 -8.08 -14.92
C ASP B 561 4.09 -7.15 -15.07
N LEU B 562 4.20 -6.14 -14.21
CA LEU B 562 5.33 -5.22 -14.26
C LEU B 562 6.63 -5.97 -14.11
N TYR B 563 6.75 -6.81 -13.10
CA TYR B 563 7.98 -7.56 -12.91
C TYR B 563 8.20 -8.55 -14.03
N ASP B 564 7.14 -9.24 -14.47
CA ASP B 564 7.32 -10.21 -15.54
C ASP B 564 7.66 -9.57 -16.87
N ASN B 565 7.51 -8.25 -17.02
CA ASN B 565 7.69 -7.61 -18.32
C ASN B 565 8.90 -6.68 -18.38
N LEU B 566 9.39 -6.19 -17.24
CA LEU B 566 10.59 -5.33 -17.25
C LEU B 566 11.89 -6.11 -17.41
N LYS B 567 11.83 -7.44 -17.47
CA LYS B 567 13.06 -8.23 -17.50
C LYS B 567 13.98 -7.86 -18.65
N ASP B 568 13.43 -7.30 -19.72
CA ASP B 568 14.21 -7.02 -20.92
C ASP B 568 15.06 -5.76 -20.82
N ILE B 569 14.82 -4.90 -19.82
CA ILE B 569 15.58 -3.66 -19.69
C ILE B 569 16.11 -3.51 -18.27
N ASN B 570 16.19 -4.63 -17.54
CA ASN B 570 16.73 -4.62 -16.17
C ASN B 570 15.95 -3.66 -15.29
N GLY B 571 14.65 -3.94 -15.13
CA GLY B 571 13.77 -3.08 -14.37
C GLY B 571 13.62 -3.55 -12.93
N LYS B 572 13.60 -2.58 -12.01
CA LYS B 572 13.51 -2.83 -10.59
C LYS B 572 12.43 -1.96 -9.98
N ILE B 573 11.61 -2.56 -9.13
CA ILE B 573 10.50 -1.89 -8.47
C ILE B 573 10.87 -1.60 -7.03
N ILE B 574 10.51 -0.42 -6.54
CA ILE B 574 11.05 0.08 -5.28
C ILE B 574 9.99 0.44 -4.25
N LEU B 575 8.78 0.75 -4.70
CA LEU B 575 7.75 1.17 -3.74
C LEU B 575 6.37 1.02 -4.35
N CYS B 576 5.39 0.76 -3.48
CA CYS B 576 4.00 0.51 -3.89
C CYS B 576 3.10 0.88 -2.73
N VAL B 577 2.33 1.97 -2.86
CA VAL B 577 1.52 2.50 -1.75
C VAL B 577 0.05 2.46 -2.18
N HIS B 578 -0.56 1.28 -2.03
CA HIS B 578 -1.99 1.03 -2.04
C HIS B 578 -2.69 1.24 -3.39
N ASP B 579 -2.14 2.10 -4.25
CA ASP B 579 -2.54 2.09 -5.64
C ASP B 579 -1.46 2.66 -6.58
N GLU B 580 -0.33 3.11 -6.07
CA GLU B 580 0.70 3.76 -6.86
C GLU B 580 1.91 2.86 -6.96
N ILE B 581 2.51 2.79 -8.14
CA ILE B 581 3.71 2.00 -8.38
C ILE B 581 4.80 2.94 -8.87
N ILE B 582 6.00 2.75 -8.33
CA ILE B 582 7.18 3.50 -8.75
C ILE B 582 8.31 2.51 -8.93
N ILE B 583 9.11 2.72 -9.97
CA ILE B 583 10.10 1.73 -10.40
C ILE B 583 11.37 2.45 -10.82
N GLU B 584 12.47 1.72 -10.84
CA GLU B 584 13.75 2.24 -11.33
C GLU B 584 14.11 1.56 -12.64
N VAL B 585 14.58 2.36 -13.59
CA VAL B 585 15.14 1.86 -14.84
C VAL B 585 16.27 2.79 -15.26
N ASN B 586 17.29 2.23 -15.90
CA ASN B 586 18.38 3.06 -16.40
C ASN B 586 17.83 4.10 -17.35
N LYS B 587 18.35 5.32 -17.25
CA LYS B 587 17.78 6.46 -17.96
C LYS B 587 17.76 6.22 -19.47
N LYS B 588 18.59 5.31 -19.98
CA LYS B 588 18.60 5.03 -21.41
C LYS B 588 17.25 4.55 -21.91
N PHE B 589 16.46 3.90 -21.06
CA PHE B 589 15.21 3.26 -21.45
C PHE B 589 14.00 3.88 -20.74
N GLN B 590 14.09 5.15 -20.34
CA GLN B 590 13.05 5.76 -19.51
C GLN B 590 11.68 5.78 -20.21
N GLU B 591 11.65 6.19 -21.48
CA GLU B 591 10.38 6.28 -22.20
C GLU B 591 9.75 4.90 -22.35
N GLU B 592 10.58 3.91 -22.65
CA GLU B 592 10.08 2.54 -22.77
C GLU B 592 9.50 2.08 -21.44
N ALA B 593 10.17 2.42 -20.33
CA ALA B 593 9.65 2.06 -19.01
C ALA B 593 8.31 2.72 -18.73
N LEU B 594 8.13 3.96 -19.16
CA LEU B 594 6.81 4.60 -19.02
C LEU B 594 5.74 3.80 -19.74
N LYS B 595 6.00 3.46 -21.00
CA LYS B 595 5.02 2.67 -21.74
C LYS B 595 4.81 1.31 -21.09
N ILE B 596 5.88 0.71 -20.58
CA ILE B 596 5.82 -0.56 -19.86
C ILE B 596 4.82 -0.46 -18.71
N LEU B 597 4.95 0.57 -17.88
CA LEU B 597 4.08 0.69 -16.72
C LEU B 597 2.63 0.91 -17.14
N VAL B 598 2.42 1.69 -18.21
CA VAL B 598 1.04 1.86 -18.71
C VAL B 598 0.45 0.51 -19.09
N GLN B 599 1.17 -0.26 -19.90
CA GLN B 599 0.67 -1.59 -20.26
C GLN B 599 0.54 -2.50 -19.06
N SER B 600 1.35 -2.28 -18.03
CA SER B 600 1.29 -3.12 -16.84
C SER B 600 0.03 -2.87 -16.04
N MET B 601 -0.49 -1.65 -16.08
CA MET B 601 -1.67 -1.31 -15.29
C MET B 601 -2.97 -1.40 -16.07
N GLU B 602 -3.07 -0.79 -17.26
CA GLU B 602 -4.34 -0.81 -17.98
C GLU B 602 -4.79 -2.25 -18.26
N ASN B 603 -3.90 -3.08 -18.78
CA ASN B 603 -4.26 -4.47 -19.05
C ASN B 603 -4.74 -5.15 -17.77
N SER B 604 -4.07 -4.90 -16.66
CA SER B 604 -4.52 -5.44 -15.39
C SER B 604 -5.92 -4.96 -15.05
N ALA B 605 -6.19 -3.66 -15.27
CA ALA B 605 -7.53 -3.15 -15.06
C ALA B 605 -8.54 -3.84 -15.97
N SER B 606 -8.18 -4.04 -17.25
CA SER B 606 -9.08 -4.69 -18.19
C SER B 606 -9.45 -6.09 -17.75
N TYR B 607 -8.59 -6.75 -16.97
CA TYR B 607 -8.91 -8.09 -16.48
C TYR B 607 -10.03 -8.08 -15.47
N PHE B 608 -10.34 -6.93 -14.87
CA PHE B 608 -11.35 -6.83 -13.83
C PHE B 608 -12.50 -5.91 -14.22
N LEU B 609 -12.20 -4.71 -14.73
CA LEU B 609 -13.22 -3.74 -15.08
C LEU B 609 -13.43 -3.76 -16.60
N LYS B 610 -14.64 -4.17 -17.01
CA LYS B 610 -14.94 -4.35 -18.43
C LYS B 610 -15.64 -3.16 -19.06
N LYS B 611 -16.42 -2.40 -18.30
CA LYS B 611 -17.23 -1.33 -18.88
C LYS B 611 -16.49 -0.01 -18.99
N VAL B 612 -15.86 0.45 -17.91
CA VAL B 612 -15.19 1.74 -17.88
C VAL B 612 -13.70 1.53 -18.12
N LYS B 613 -13.13 2.34 -19.01
CA LYS B 613 -11.71 2.26 -19.34
C LYS B 613 -10.92 3.01 -18.28
N CYS B 614 -10.14 2.27 -17.49
CA CYS B 614 -9.30 2.90 -16.48
C CYS B 614 -8.19 3.72 -17.13
N GLU B 615 -7.74 4.74 -16.41
CA GLU B 615 -6.63 5.57 -16.84
C GLU B 615 -5.59 5.60 -15.72
N VAL B 616 -4.36 5.93 -16.10
CA VAL B 616 -3.24 6.01 -15.17
C VAL B 616 -2.42 7.23 -15.50
N SER B 617 -2.05 8.00 -14.47
CA SER B 617 -1.15 9.12 -14.65
C SER B 617 0.29 8.64 -14.51
N VAL B 618 1.08 8.80 -15.56
CA VAL B 618 2.48 8.40 -15.58
C VAL B 618 3.35 9.64 -15.56
N LYS B 619 4.49 9.56 -14.86
CA LYS B 619 5.43 10.66 -14.77
C LYS B 619 6.86 10.16 -14.74
N ILE B 620 7.77 11.02 -15.19
CA ILE B 620 9.20 10.80 -15.06
C ILE B 620 9.66 11.60 -13.87
N ALA B 621 10.31 10.94 -12.91
CA ALA B 621 10.53 11.53 -11.60
C ALA B 621 11.98 11.43 -11.19
N GLU B 622 12.55 12.55 -10.75
CA GLU B 622 13.83 12.54 -10.07
C GLU B 622 13.70 12.22 -8.60
N ASN B 623 12.49 12.24 -8.05
CA ASN B 623 12.27 11.96 -6.65
C ASN B 623 10.97 11.19 -6.45
N TRP B 624 10.77 10.74 -5.23
CA TRP B 624 9.49 10.20 -4.81
C TRP B 624 8.48 11.32 -4.61
N GLY B 625 8.96 12.55 -4.40
CA GLY B 625 8.05 13.66 -4.15
C GLY B 625 7.48 14.25 -5.42
N SER B 626 8.33 14.54 -6.40
CA SER B 626 7.88 15.09 -7.67
C SER B 626 7.09 13.99 -8.37
N LYS B 627 5.82 13.87 -7.98
CA LYS B 627 4.98 12.75 -8.33
C LYS B 627 4.98 12.49 -9.83
P 2DA C 20 -1.52 9.62 0.59
OP1 2DA C 20 -1.09 10.97 0.11
OP2 2DA C 20 -2.90 9.43 1.11
O5' 2DA C 20 -1.35 8.51 -0.55
C5' 2DA C 20 -2.54 8.03 -1.14
C4' 2DA C 20 -2.85 6.69 -0.53
O4' 2DA C 20 -3.17 6.86 0.84
C3' 2DA C 20 -4.07 6.07 -1.17
C2' 2DA C 20 -4.87 5.47 -0.02
C1' 2DA C 20 -4.21 5.99 1.24
N9 2DA C 20 -5.21 6.67 2.07
C8 2DA C 20 -5.26 7.96 2.43
N7 2DA C 20 -6.32 8.21 3.21
C5 2DA C 20 -6.97 7.07 3.36
C6 2DA C 20 -8.17 6.63 4.07
N6 2DA C 20 -8.90 7.50 4.78
N1 2DA C 20 -8.50 5.33 3.98
C2 2DA C 20 -7.78 4.47 3.27
N3 2DA C 20 -6.66 4.79 2.60
C4 2DA C 20 -6.24 6.05 2.62
MG MG D . -4.62 7.45 -7.03
PG DGT E . -7.07 10.41 -7.77
O1G DGT E . -7.59 10.22 -9.15
O2G DGT E . -6.91 11.84 -7.42
O3G DGT E . -5.83 9.61 -7.51
O3B DGT E . -8.20 9.84 -6.79
PB DGT E . -8.29 8.42 -6.08
O1B DGT E . -9.71 8.07 -5.86
O2B DGT E . -7.44 7.47 -6.86
O3A DGT E . -7.59 8.72 -4.68
PA DGT E . -6.15 8.50 -3.99
O1A DGT E . -6.17 8.99 -2.59
O2A DGT E . -5.07 9.06 -4.86
O5' DGT E . -6.05 6.90 -3.98
C5' DGT E . -7.28 6.17 -3.97
C4' DGT E . -7.55 5.77 -2.55
O4' DGT E . -7.86 6.93 -1.77
C3' DGT E . -8.77 4.88 -2.38
O3' DGT E . -8.35 3.51 -2.30
C2' DGT E . -9.39 5.34 -1.05
C1' DGT E . -8.42 6.41 -0.57
N9 DGT E . -8.98 7.51 0.22
C8 DGT E . -8.45 8.77 0.31
N7 DGT E . -9.12 9.55 1.11
C5 DGT E . -10.15 8.75 1.59
C6 DGT E . -11.18 9.05 2.50
O6 DGT E . -11.41 10.12 3.09
N1 DGT E . -12.01 7.95 2.72
C2 DGT E . -11.85 6.71 2.14
N2 DGT E . -12.73 5.77 2.48
N3 DGT E . -10.87 6.43 1.29
C4 DGT E . -10.06 7.48 1.06
#